data_8EUK
#
_entry.id   8EUK
#
_cell.length_a   68.730
_cell.length_b   68.730
_cell.length_c   457.039
_cell.angle_alpha   90.000
_cell.angle_beta   90.000
_cell.angle_gamma   120.000
#
_symmetry.space_group_name_H-M   'P 61 2 2'
#
loop_
_entity.id
_entity.type
_entity.pdbx_description
1 polymer 'Cytochrome P450-terp'
2 non-polymer 'PROTOPORPHYRIN IX CONTAINING FE'
3 non-polymer 1,2-ETHANEDIOL
4 water water
#
_entity_poly.entity_id   1
_entity_poly.type   'polypeptide(L)'
_entity_poly.pdbx_seq_one_letter_code
;MGSSHHHHHHSSGLVPRGSHMDARATIPEHIARTVILPQGYADDEVIYPAFKWLRDEQPLAMAHIEGYDPMWIATKHADV
MQIGKQPGLFSNAEGSEILYDQNNEAFMRSISGGCPHVIDSLTSMDPPTHTAYRGLTLNWFQPASIRKLEENIRRIAQAS
VQRLLDFDGECDFMTDCALYYPLHVVMTALGVPEDDEPLMLKLTQDFFGVHEPDEQAVAAPRQSADEAARRFHETIATFY
DYFNGFTVDRRSCPKDDVMSLLANSKLDGNYIDDKYINAYYVAIATAGHDTTSSSSGGAIIGLSRNPEQLALAKSDPALI
PRLVDEAVRWTAPVKSFMRTALADTEVRGQNIKRGDRIMLSYPSANRDEEVFSNPDEFDITRFPNRHLGFGWGAHMCLGQ
HLAKLEMKIFFEELLPKLKSVELSGPPRLVATNFVGGPKNVPIRFTKA
;
_entity_poly.pdbx_strand_id   A
#
# COMPACT_ATOMS: atom_id res chain seq x y z
N MET A 21 13.87 -4.73 -27.29
CA MET A 21 15.14 -4.23 -27.88
C MET A 21 16.38 -4.64 -27.08
N ASP A 22 16.24 -4.86 -25.76
CA ASP A 22 17.35 -5.31 -24.93
C ASP A 22 17.55 -6.82 -25.10
N ALA A 23 18.75 -7.19 -25.56
CA ALA A 23 19.10 -8.56 -25.93
C ALA A 23 19.04 -9.56 -24.76
N ARG A 24 19.10 -9.06 -23.53
CA ARG A 24 19.12 -9.90 -22.29
C ARG A 24 17.70 -10.32 -21.90
N ALA A 25 16.65 -9.68 -22.44
CA ALA A 25 15.27 -10.02 -22.08
C ALA A 25 14.95 -11.44 -22.53
N THR A 26 14.55 -12.30 -21.58
CA THR A 26 14.19 -13.70 -21.87
C THR A 26 12.73 -14.08 -21.52
N ILE A 27 12.03 -13.20 -20.79
CA ILE A 27 10.62 -13.47 -20.43
C ILE A 27 9.74 -13.32 -21.67
N PRO A 28 8.95 -14.37 -22.04
CA PRO A 28 8.06 -14.27 -23.20
C PRO A 28 7.18 -13.02 -23.13
N GLU A 29 6.98 -12.34 -24.26
CA GLU A 29 6.23 -11.10 -24.32
C GLU A 29 4.87 -11.18 -23.61
N HIS A 30 4.12 -12.25 -23.86
CA HIS A 30 2.76 -12.37 -23.31
C HIS A 30 2.76 -12.43 -21.78
N ILE A 31 3.76 -13.12 -21.20
CA ILE A 31 3.93 -13.19 -19.75
C ILE A 31 4.34 -11.83 -19.18
N ALA A 32 5.33 -11.20 -19.83
CA ALA A 32 5.83 -9.89 -19.46
C ALA A 32 4.71 -8.85 -19.46
N ARG A 33 3.89 -8.83 -20.52
CA ARG A 33 2.72 -7.91 -20.62
C ARG A 33 1.78 -8.17 -19.43
N THR A 34 1.52 -9.44 -19.10
CA THR A 34 0.57 -9.80 -18.05
C THR A 34 1.01 -9.30 -16.68
N VAL A 35 2.31 -9.40 -16.35
CA VAL A 35 2.80 -9.04 -15.02
C VAL A 35 3.13 -7.53 -14.85
N ILE A 36 3.46 -6.85 -15.95
CA ILE A 36 3.84 -5.45 -15.93
C ILE A 36 2.66 -4.49 -16.09
N LEU A 37 1.76 -4.79 -17.04
CA LEU A 37 0.69 -3.85 -17.39
C LEU A 37 -0.39 -3.81 -16.30
N PRO A 38 -1.10 -2.67 -16.14
CA PRO A 38 -2.14 -2.54 -15.11
C PRO A 38 -3.33 -3.50 -15.22
N GLN A 39 -3.78 -3.80 -16.43
CA GLN A 39 -5.11 -4.46 -16.64
C GLN A 39 -5.28 -5.80 -15.94
N GLY A 40 -4.23 -6.64 -15.99
CA GLY A 40 -4.28 -8.00 -15.50
C GLY A 40 -4.56 -8.13 -14.00
N TYR A 41 -4.15 -7.11 -13.24
CA TYR A 41 -4.32 -7.04 -11.77
C TYR A 41 -5.81 -6.97 -11.38
N ALA A 42 -6.70 -6.65 -12.31
CA ALA A 42 -8.14 -6.68 -12.06
C ALA A 42 -8.73 -8.10 -11.96
N ASP A 43 -7.91 -9.13 -12.24
CA ASP A 43 -8.40 -10.53 -12.21
C ASP A 43 -7.31 -11.45 -11.68
N ASP A 44 -7.53 -11.99 -10.47
CA ASP A 44 -6.63 -12.97 -9.83
C ASP A 44 -6.21 -14.10 -10.76
N GLU A 45 -7.14 -14.57 -11.60
CA GLU A 45 -6.90 -15.70 -12.49
C GLU A 45 -6.10 -15.35 -13.72
N VAL A 46 -5.88 -14.04 -13.96
CA VAL A 46 -4.97 -13.58 -14.98
C VAL A 46 -3.56 -13.46 -14.39
N ILE A 47 -3.45 -12.70 -13.30
CA ILE A 47 -2.15 -12.33 -12.75
C ILE A 47 -1.38 -13.49 -12.10
N TYR A 48 -2.05 -14.26 -11.21
CA TYR A 48 -1.33 -15.26 -10.37
C TYR A 48 -0.74 -16.39 -11.21
N PRO A 49 -1.43 -16.95 -12.23
CA PRO A 49 -0.82 -17.97 -13.09
C PRO A 49 0.43 -17.51 -13.84
N ALA A 50 0.50 -16.23 -14.18
CA ALA A 50 1.66 -15.69 -14.87
C ALA A 50 2.88 -15.69 -13.94
N PHE A 51 2.68 -15.23 -12.70
CA PHE A 51 3.73 -15.29 -11.67
C PHE A 51 4.12 -16.70 -11.28
N LYS A 52 3.16 -17.63 -11.26
CA LYS A 52 3.47 -19.03 -11.00
C LYS A 52 4.43 -19.57 -12.06
N TRP A 53 4.15 -19.27 -13.33
CA TRP A 53 5.03 -19.70 -14.43
C TRP A 53 6.46 -19.14 -14.22
N LEU A 54 6.56 -17.85 -13.90
CA LEU A 54 7.86 -17.21 -13.67
C LEU A 54 8.62 -17.90 -12.55
N ARG A 55 7.94 -18.11 -11.40
CA ARG A 55 8.55 -18.75 -10.21
C ARG A 55 9.03 -20.17 -10.59
N ASP A 56 8.26 -20.88 -11.42
CA ASP A 56 8.62 -22.23 -11.87
C ASP A 56 9.77 -22.26 -12.89
N GLU A 57 9.80 -21.29 -13.82
CA GLU A 57 10.64 -21.37 -15.02
C GLU A 57 11.69 -20.28 -15.19
N GLN A 58 11.36 -19.05 -14.79
CA GLN A 58 12.27 -17.89 -14.89
C GLN A 58 12.11 -17.01 -13.65
N PRO A 59 12.53 -17.53 -12.47
CA PRO A 59 12.23 -16.89 -11.18
C PRO A 59 12.79 -15.47 -11.05
N LEU A 60 13.97 -15.21 -11.62
CA LEU A 60 14.51 -13.86 -11.69
C LEU A 60 15.12 -13.67 -13.08
N ALA A 61 14.37 -12.97 -13.95
CA ALA A 61 14.74 -12.81 -15.35
C ALA A 61 14.34 -11.44 -15.81
N MET A 62 14.81 -11.08 -17.01
CA MET A 62 14.57 -9.76 -17.56
C MET A 62 13.42 -9.78 -18.58
N ALA A 63 12.57 -8.75 -18.47
CA ALA A 63 11.47 -8.50 -19.40
C ALA A 63 11.74 -7.17 -20.09
N HIS A 64 11.30 -7.04 -21.34
CA HIS A 64 11.31 -5.75 -22.01
C HIS A 64 10.16 -5.68 -22.99
N ILE A 65 9.15 -4.85 -22.65
CA ILE A 65 7.98 -4.63 -23.48
C ILE A 65 7.90 -3.18 -23.92
N GLU A 66 7.18 -2.95 -25.02
CA GLU A 66 7.05 -1.64 -25.65
C GLU A 66 6.51 -0.63 -24.64
N GLY A 67 7.17 0.54 -24.57
CA GLY A 67 6.75 1.65 -23.73
C GLY A 67 7.30 1.65 -22.31
N TYR A 68 8.07 0.62 -21.95
CA TYR A 68 8.70 0.44 -20.61
C TYR A 68 10.21 0.24 -20.76
N ASP A 69 10.96 0.59 -19.71
CA ASP A 69 12.36 0.24 -19.59
C ASP A 69 12.46 -1.28 -19.48
N PRO A 70 13.62 -1.88 -19.82
CA PRO A 70 13.89 -3.27 -19.46
C PRO A 70 13.92 -3.38 -17.94
N MET A 71 13.52 -4.54 -17.39
CA MET A 71 13.52 -4.73 -15.95
C MET A 71 13.55 -6.21 -15.57
N TRP A 72 14.24 -6.49 -14.47
CA TRP A 72 14.24 -7.78 -13.81
C TRP A 72 12.94 -7.90 -13.02
N ILE A 73 12.33 -9.09 -13.00
CA ILE A 73 11.08 -9.29 -12.27
C ILE A 73 11.40 -10.24 -11.11
N ALA A 74 11.38 -9.68 -9.89
CA ALA A 74 11.66 -10.44 -8.68
C ALA A 74 10.37 -11.08 -8.22
N THR A 75 10.26 -12.40 -8.49
CA THR A 75 9.04 -13.16 -8.19
C THR A 75 9.13 -14.04 -6.94
N LYS A 76 10.35 -14.25 -6.44
CA LYS A 76 10.58 -15.13 -5.29
C LYS A 76 10.69 -14.36 -3.98
N HIS A 77 10.06 -14.91 -2.94
CA HIS A 77 10.07 -14.38 -1.59
C HIS A 77 11.49 -14.08 -1.12
N ALA A 78 12.40 -15.05 -1.27
CA ALA A 78 13.80 -14.88 -0.87
C ALA A 78 14.46 -13.67 -1.52
N ASP A 79 14.19 -13.48 -2.82
CA ASP A 79 14.86 -12.45 -3.62
C ASP A 79 14.31 -11.06 -3.25
N VAL A 80 13.00 -10.99 -3.04
CA VAL A 80 12.39 -9.71 -2.68
C VAL A 80 12.96 -9.23 -1.36
N MET A 81 13.12 -10.13 -0.39
CA MET A 81 13.78 -9.76 0.90
C MET A 81 15.24 -9.34 0.71
N GLN A 82 15.99 -10.11 -0.08
CA GLN A 82 17.43 -9.87 -0.30
C GLN A 82 17.64 -8.48 -0.91
N ILE A 83 16.79 -8.12 -1.87
CA ILE A 83 16.90 -6.85 -2.54
C ILE A 83 16.49 -5.70 -1.59
N GLY A 84 15.36 -5.86 -0.90
CA GLY A 84 14.80 -4.82 -0.05
C GLY A 84 15.68 -4.47 1.13
N LYS A 85 16.47 -5.47 1.56
CA LYS A 85 17.46 -5.37 2.64
C LYS A 85 18.66 -4.49 2.39
N GLN A 86 18.98 -4.24 1.12
CA GLN A 86 20.25 -3.65 0.70
C GLN A 86 20.04 -2.35 -0.07
N PRO A 87 19.60 -1.28 0.61
CA PRO A 87 19.29 -0.02 -0.08
C PRO A 87 20.52 0.66 -0.69
N GLY A 88 21.72 0.35 -0.15
CA GLY A 88 22.97 0.86 -0.68
C GLY A 88 23.28 0.28 -2.05
N LEU A 89 22.74 -0.91 -2.34
CA LEU A 89 22.96 -1.58 -3.62
C LEU A 89 21.75 -1.45 -4.57
N PHE A 90 20.54 -1.43 -4.01
CA PHE A 90 19.32 -1.40 -4.80
C PHE A 90 18.50 -0.18 -4.35
N SER A 91 18.51 0.86 -5.18
CA SER A 91 18.11 2.21 -4.82
C SER A 91 16.62 2.50 -5.04
N ASN A 92 16.02 3.26 -4.11
CA ASN A 92 14.73 3.90 -4.28
C ASN A 92 14.86 5.25 -5.00
N ALA A 93 15.93 5.99 -4.69
CA ALA A 93 16.10 7.37 -5.15
C ALA A 93 16.46 7.53 -6.63
N GLU A 94 17.27 6.61 -7.17
CA GLU A 94 17.96 6.78 -8.46
C GLU A 94 17.05 6.84 -9.69
N GLY A 95 16.01 6.01 -9.70
CA GLY A 95 14.98 6.01 -10.74
C GLY A 95 13.62 6.15 -10.08
N SER A 96 12.56 5.95 -10.86
CA SER A 96 11.22 5.94 -10.29
C SER A 96 11.09 4.70 -9.45
N GLU A 97 10.62 4.86 -8.20
CA GLU A 97 10.33 3.71 -7.33
C GLU A 97 8.97 3.11 -7.60
N ILE A 98 8.14 3.84 -8.38
CA ILE A 98 6.84 3.37 -8.83
C ILE A 98 6.93 2.98 -10.30
N LEU A 99 6.20 1.94 -10.68
CA LEU A 99 6.24 1.38 -12.02
C LEU A 99 5.39 2.19 -13.00
N TYR A 100 6.02 3.17 -13.63
CA TYR A 100 5.43 4.02 -14.70
C TYR A 100 5.98 3.57 -16.06
N ASP A 101 5.16 3.65 -17.11
CA ASP A 101 5.67 3.54 -18.48
C ASP A 101 6.50 4.80 -18.76
N GLN A 102 7.23 4.79 -19.88
CA GLN A 102 8.17 5.85 -20.19
C GLN A 102 7.50 7.24 -20.35
N ASN A 103 6.32 7.25 -20.97
CA ASN A 103 5.57 8.49 -21.18
C ASN A 103 5.18 9.13 -19.87
N ASN A 104 4.65 8.32 -18.94
CA ASN A 104 4.23 8.82 -17.65
C ASN A 104 5.38 9.25 -16.76
N GLU A 105 6.49 8.51 -16.81
CA GLU A 105 7.70 8.90 -16.07
C GLU A 105 8.23 10.25 -16.57
N ALA A 106 8.23 10.43 -17.89
CA ALA A 106 8.70 11.69 -18.49
C ALA A 106 7.81 12.86 -18.07
N PHE A 107 6.48 12.65 -18.06
CA PHE A 107 5.56 13.66 -17.53
C PHE A 107 5.87 14.00 -16.07
N MET A 108 6.08 12.96 -15.24
CA MET A 108 6.39 13.14 -13.81
C MET A 108 7.68 13.95 -13.62
N ARG A 109 8.70 13.61 -14.42
CA ARG A 109 10.02 14.31 -14.40
C ARG A 109 9.80 15.78 -14.75
N SER A 110 8.91 16.07 -15.71
CA SER A 110 8.68 17.43 -16.20
C SER A 110 7.94 18.33 -15.19
N ILE A 111 7.23 17.73 -14.24
CA ILE A 111 6.54 18.48 -13.19
C ILE A 111 7.24 18.42 -11.83
N SER A 112 8.42 17.81 -11.78
CA SER A 112 9.12 17.54 -10.52
C SER A 112 10.58 17.99 -10.60
N GLY A 113 10.84 19.02 -11.43
CA GLY A 113 12.18 19.55 -11.66
C GLY A 113 13.18 18.54 -12.19
N GLY A 114 12.71 17.55 -12.97
CA GLY A 114 13.57 16.53 -13.54
C GLY A 114 13.71 15.24 -12.74
N CYS A 115 13.25 15.23 -11.48
CA CYS A 115 13.34 14.06 -10.59
C CYS A 115 12.21 13.07 -10.89
N PRO A 116 12.47 11.74 -10.86
CA PRO A 116 11.43 10.74 -11.09
C PRO A 116 10.61 10.41 -9.81
N HIS A 117 10.22 11.46 -9.07
CA HIS A 117 9.44 11.35 -7.84
C HIS A 117 8.56 12.58 -7.77
N VAL A 118 7.24 12.38 -7.64
CA VAL A 118 6.31 13.52 -7.68
C VAL A 118 6.35 14.42 -6.42
N ILE A 119 6.65 13.82 -5.25
CA ILE A 119 6.86 14.53 -3.99
C ILE A 119 8.10 13.95 -3.24
N ASP A 120 8.63 14.72 -2.28
CA ASP A 120 9.82 14.31 -1.49
C ASP A 120 9.46 13.51 -0.24
N SER A 121 8.85 12.34 -0.46
CA SER A 121 8.42 11.48 0.62
C SER A 121 9.45 10.36 0.81
N LEU A 122 9.23 9.54 1.85
CA LEU A 122 10.20 8.53 2.25
C LEU A 122 10.56 7.55 1.15
N THR A 123 9.58 7.13 0.32
CA THR A 123 9.86 6.14 -0.73
C THR A 123 10.75 6.71 -1.85
N SER A 124 10.93 8.04 -1.89
CA SER A 124 11.82 8.68 -2.84
C SER A 124 13.29 8.78 -2.38
N MET A 125 13.57 8.38 -1.13
CA MET A 125 14.86 8.64 -0.48
C MET A 125 15.71 7.37 -0.31
N ASP A 126 17.03 7.56 -0.39
CA ASP A 126 18.01 6.53 -0.02
C ASP A 126 18.75 7.01 1.22
N PRO A 127 19.30 6.08 2.04
CA PRO A 127 20.14 6.44 3.19
C PRO A 127 21.35 7.25 2.73
N PRO A 128 21.90 8.18 3.56
CA PRO A 128 21.41 8.43 4.92
C PRO A 128 20.18 9.41 5.10
N THR A 129 19.87 10.15 4.01
CA THR A 129 18.70 11.03 4.02
C THR A 129 17.46 10.27 4.48
N HIS A 130 17.21 9.11 3.87
CA HIS A 130 16.06 8.29 4.22
C HIS A 130 16.02 7.99 5.70
N THR A 131 17.17 7.57 6.24
CA THR A 131 17.27 7.19 7.64
C THR A 131 16.89 8.35 8.57
N ALA A 132 17.42 9.55 8.26
CA ALA A 132 17.11 10.74 9.03
C ALA A 132 15.60 11.10 8.99
N TYR A 133 14.98 11.08 7.82
CA TYR A 133 13.56 11.51 7.67
C TYR A 133 12.63 10.45 8.26
N ARG A 134 12.89 9.16 8.01
CA ARG A 134 12.09 8.06 8.63
C ARG A 134 12.21 8.15 10.15
N GLY A 135 13.41 8.41 10.66
CA GLY A 135 13.69 8.57 12.08
C GLY A 135 12.87 9.62 12.82
N LEU A 136 12.40 10.66 12.12
CA LEU A 136 11.55 11.67 12.71
C LEU A 136 10.26 11.11 13.28
N THR A 137 9.70 10.08 12.65
CA THR A 137 8.45 9.48 13.11
C THR A 137 8.52 8.00 13.49
N LEU A 138 9.68 7.38 13.33
CA LEU A 138 9.79 5.91 13.54
C LEU A 138 9.23 5.51 14.90
N ASN A 139 9.65 6.19 15.97
CA ASN A 139 9.16 5.85 17.32
C ASN A 139 7.66 5.98 17.50
N TRP A 140 7.07 7.02 16.90
CA TRP A 140 5.64 7.27 17.01
C TRP A 140 4.81 6.09 16.45
N PHE A 141 5.35 5.42 15.42
CA PHE A 141 4.64 4.34 14.72
C PHE A 141 4.94 2.93 15.24
N GLN A 142 5.71 2.83 16.33
CA GLN A 142 5.97 1.53 16.97
C GLN A 142 4.79 1.12 17.86
N PRO A 143 4.57 -0.19 18.08
CA PRO A 143 3.39 -0.69 18.77
C PRO A 143 3.05 -0.03 20.12
N ALA A 144 4.05 0.27 20.96
CA ALA A 144 3.78 0.87 22.26
C ALA A 144 3.19 2.29 22.17
N SER A 145 3.63 3.06 21.16
CA SER A 145 3.12 4.40 20.92
C SER A 145 1.72 4.31 20.32
N ILE A 146 1.58 3.48 19.28
CA ILE A 146 0.32 3.24 18.57
C ILE A 146 -0.81 2.76 19.48
N ARG A 147 -0.47 1.97 20.52
CA ARG A 147 -1.44 1.38 21.48
C ARG A 147 -2.26 2.48 22.16
N LYS A 148 -1.71 3.70 22.28
CA LYS A 148 -2.39 4.81 22.92
C LYS A 148 -3.61 5.30 22.13
N LEU A 149 -3.65 4.98 20.82
CA LEU A 149 -4.77 5.30 19.92
C LEU A 149 -5.96 4.35 20.01
N GLU A 150 -5.84 3.29 20.81
CA GLU A 150 -6.82 2.22 20.85
C GLU A 150 -8.28 2.72 21.01
N GLU A 151 -8.52 3.54 22.03
CA GLU A 151 -9.86 4.07 22.33
C GLU A 151 -10.44 4.85 21.15
N ASN A 152 -9.64 5.75 20.56
CA ASN A 152 -10.04 6.49 19.37
C ASN A 152 -10.32 5.59 18.18
N ILE A 153 -9.44 4.62 17.94
CA ILE A 153 -9.61 3.68 16.85
C ILE A 153 -10.89 2.87 17.03
N ARG A 154 -11.19 2.47 18.28
CA ARG A 154 -12.40 1.65 18.58
C ARG A 154 -13.67 2.48 18.30
N ARG A 155 -13.71 3.75 18.71
CA ARG A 155 -14.83 4.67 18.40
C ARG A 155 -15.02 4.77 16.87
N ILE A 156 -13.92 4.97 16.13
CA ILE A 156 -13.95 5.10 14.68
C ILE A 156 -14.48 3.82 14.02
N ALA A 157 -13.97 2.68 14.50
CA ALA A 157 -14.39 1.37 14.01
C ALA A 157 -15.89 1.12 14.25
N GLN A 158 -16.35 1.42 15.47
CA GLN A 158 -17.77 1.23 15.81
C GLN A 158 -18.71 2.06 14.90
N ALA A 159 -18.26 3.26 14.54
CA ALA A 159 -19.01 4.14 13.64
C ALA A 159 -19.14 3.51 12.26
N SER A 160 -18.03 2.95 11.74
CA SER A 160 -18.10 2.25 10.46
C SER A 160 -18.96 0.99 10.50
N VAL A 161 -18.88 0.23 11.60
CA VAL A 161 -19.70 -0.96 11.79
C VAL A 161 -21.20 -0.57 11.81
N GLN A 162 -21.54 0.49 12.54
CA GLN A 162 -22.91 1.01 12.58
C GLN A 162 -23.43 1.44 11.19
N ARG A 163 -22.56 2.09 10.43
CA ARG A 163 -22.77 2.47 9.00
C ARG A 163 -23.21 1.22 8.20
N LEU A 164 -22.50 0.11 8.37
CA LEU A 164 -22.86 -1.14 7.68
C LEU A 164 -24.19 -1.73 8.17
N LEU A 165 -24.37 -1.75 9.50
CA LEU A 165 -25.56 -2.31 10.13
C LEU A 165 -26.85 -1.54 9.83
N ASP A 166 -26.71 -0.24 9.55
CA ASP A 166 -27.83 0.60 9.12
C ASP A 166 -28.48 0.15 7.79
N PHE A 167 -27.75 -0.63 6.99
CA PHE A 167 -28.32 -1.26 5.80
C PHE A 167 -29.15 -2.51 6.19
N ASP A 168 -30.21 -2.80 5.44
CA ASP A 168 -31.07 -3.95 5.74
C ASP A 168 -30.48 -5.24 5.12
N GLY A 169 -29.26 -5.61 5.55
CA GLY A 169 -28.63 -6.85 5.13
C GLY A 169 -27.99 -6.89 3.75
N GLU A 170 -27.84 -5.72 3.11
CA GLU A 170 -27.22 -5.62 1.80
C GLU A 170 -26.50 -4.27 1.60
N CYS A 171 -25.25 -4.32 1.15
CA CYS A 171 -24.46 -3.11 0.87
C CYS A 171 -23.23 -3.50 0.08
N ASP A 172 -22.44 -2.49 -0.28
CA ASP A 172 -21.09 -2.68 -0.81
C ASP A 172 -20.15 -2.48 0.37
N PHE A 173 -19.48 -3.56 0.77
CA PHE A 173 -18.64 -3.53 1.95
C PHE A 173 -17.58 -2.44 1.84
N MET A 174 -17.06 -2.23 0.63
CA MET A 174 -16.06 -1.19 0.43
C MET A 174 -16.68 0.22 0.46
N THR A 175 -17.56 0.51 -0.49
CA THR A 175 -18.02 1.89 -0.67
C THR A 175 -18.95 2.37 0.46
N ASP A 176 -19.58 1.44 1.18
CA ASP A 176 -20.48 1.77 2.28
C ASP A 176 -19.86 1.63 3.68
N CYS A 177 -18.61 1.14 3.77
CA CYS A 177 -17.99 0.87 5.06
C CYS A 177 -16.46 1.03 5.09
N ALA A 178 -15.75 0.11 4.41
CA ALA A 178 -14.29 0.04 4.52
C ALA A 178 -13.51 1.22 3.91
N LEU A 179 -14.17 1.98 3.02
CA LEU A 179 -13.62 3.22 2.45
C LEU A 179 -13.33 4.25 3.54
N TYR A 180 -14.14 4.23 4.60
CA TYR A 180 -14.22 5.30 5.63
C TYR A 180 -13.24 5.07 6.77
N TYR A 181 -13.32 3.95 7.50
CA TYR A 181 -12.64 3.81 8.81
C TYR A 181 -11.13 4.09 8.66
N PRO A 182 -10.40 3.56 7.66
CA PRO A 182 -8.94 3.75 7.63
C PRO A 182 -8.54 5.20 7.34
N LEU A 183 -9.37 5.94 6.59
CA LEU A 183 -9.11 7.35 6.38
C LEU A 183 -9.28 8.10 7.70
N HIS A 184 -10.35 7.80 8.44
CA HIS A 184 -10.55 8.43 9.75
C HIS A 184 -9.39 8.15 10.72
N VAL A 185 -8.81 6.95 10.62
CA VAL A 185 -7.71 6.58 11.50
C VAL A 185 -6.46 7.39 11.14
N VAL A 186 -6.16 7.48 9.85
CA VAL A 186 -4.98 8.21 9.41
C VAL A 186 -5.16 9.71 9.70
N MET A 187 -6.40 10.21 9.60
CA MET A 187 -6.72 11.59 9.96
C MET A 187 -6.48 11.87 11.45
N THR A 188 -6.85 10.92 12.32
CA THR A 188 -6.66 11.07 13.77
C THR A 188 -5.18 11.00 14.10
N ALA A 189 -4.44 10.13 13.39
CA ALA A 189 -2.99 10.01 13.60
C ALA A 189 -2.28 11.32 13.25
N LEU A 190 -2.67 11.92 12.11
CA LEU A 190 -2.13 13.22 11.71
C LEU A 190 -2.57 14.37 12.63
N GLY A 191 -3.87 14.40 12.94
CA GLY A 191 -4.49 15.52 13.62
C GLY A 191 -5.41 16.37 12.76
N VAL A 192 -5.92 15.79 11.66
CA VAL A 192 -6.84 16.47 10.75
C VAL A 192 -8.24 16.36 11.35
N PRO A 193 -9.00 17.48 11.44
CA PRO A 193 -10.35 17.48 12.00
C PRO A 193 -11.33 16.60 11.19
N GLU A 194 -12.30 16.01 11.88
CA GLU A 194 -13.33 15.13 11.29
C GLU A 194 -14.03 15.79 10.11
N ASP A 195 -14.29 17.09 10.24
CA ASP A 195 -15.02 17.87 9.22
C ASP A 195 -14.27 18.03 7.89
N ASP A 196 -12.97 17.76 7.88
CA ASP A 196 -12.16 17.84 6.67
C ASP A 196 -12.14 16.52 5.86
N GLU A 197 -13.02 15.58 6.20
CA GLU A 197 -13.16 14.34 5.43
C GLU A 197 -13.27 14.55 3.93
N PRO A 198 -14.13 15.48 3.43
CA PRO A 198 -14.25 15.70 1.99
C PRO A 198 -12.91 16.03 1.31
N LEU A 199 -12.13 16.92 1.94
CA LEU A 199 -10.85 17.32 1.41
C LEU A 199 -9.88 16.15 1.38
N MET A 200 -9.86 15.35 2.45
CA MET A 200 -9.00 14.18 2.52
C MET A 200 -9.36 13.09 1.48
N LEU A 201 -10.66 12.89 1.22
CA LEU A 201 -11.09 11.98 0.15
C LEU A 201 -10.62 12.50 -1.22
N LYS A 202 -10.74 13.80 -1.45
CA LYS A 202 -10.20 14.40 -2.68
C LYS A 202 -8.73 14.08 -2.81
N LEU A 203 -7.98 14.23 -1.72
CA LEU A 203 -6.55 13.95 -1.74
C LEU A 203 -6.24 12.51 -2.18
N THR A 204 -6.82 11.53 -1.50
CA THR A 204 -6.44 10.12 -1.71
C THR A 204 -7.19 9.45 -2.87
N GLN A 205 -8.43 9.85 -3.12
CA GLN A 205 -9.26 9.22 -4.15
C GLN A 205 -9.25 9.95 -5.50
N ASP A 206 -9.07 11.28 -5.50
CA ASP A 206 -9.13 12.07 -6.73
C ASP A 206 -7.73 12.42 -7.19
N PHE A 207 -7.06 13.32 -6.46
CA PHE A 207 -5.76 13.85 -6.86
C PHE A 207 -4.69 12.73 -6.99
N PHE A 208 -4.57 11.89 -5.96
CA PHE A 208 -3.67 10.73 -6.04
C PHE A 208 -4.37 9.40 -6.35
N GLY A 209 -5.56 9.47 -6.93
CA GLY A 209 -6.32 8.27 -7.31
C GLY A 209 -5.81 7.61 -8.59
N VAL A 210 -6.32 6.41 -8.89
CA VAL A 210 -5.92 5.69 -10.09
C VAL A 210 -6.75 6.15 -11.29
N HIS A 211 -6.08 6.32 -12.44
CA HIS A 211 -6.68 6.86 -13.68
C HIS A 211 -7.74 5.90 -14.28
N GLU A 212 -7.32 4.66 -14.57
CA GLU A 212 -8.20 3.55 -14.96
C GLU A 212 -9.11 3.89 -16.14
N GLN A 223 -7.14 17.03 -23.38
CA GLN A 223 -6.32 17.75 -22.41
C GLN A 223 -4.83 17.50 -22.68
N SER A 224 -4.11 18.58 -23.03
CA SER A 224 -2.67 18.49 -23.35
C SER A 224 -1.84 18.19 -22.11
N ALA A 225 -0.52 18.02 -22.30
CA ALA A 225 0.43 17.81 -21.21
C ALA A 225 0.58 19.09 -20.38
N ASP A 226 0.70 20.24 -21.08
CA ASP A 226 0.78 21.56 -20.45
C ASP A 226 -0.40 21.85 -19.52
N GLU A 227 -1.60 21.37 -19.91
CA GLU A 227 -2.81 21.57 -19.13
C GLU A 227 -2.79 20.72 -17.87
N ALA A 228 -2.47 19.43 -18.02
CA ALA A 228 -2.37 18.51 -16.90
C ALA A 228 -1.34 19.01 -15.88
N ALA A 229 -0.21 19.54 -16.38
CA ALA A 229 0.85 20.07 -15.54
C ALA A 229 0.38 21.30 -14.74
N ARG A 230 -0.32 22.21 -15.43
CA ARG A 230 -0.92 23.42 -14.81
C ARG A 230 -1.85 22.98 -13.67
N ARG A 231 -2.74 22.02 -13.92
CA ARG A 231 -3.73 21.51 -12.92
C ARG A 231 -3.00 20.88 -11.73
N PHE A 232 -1.92 20.13 -12.01
CA PHE A 232 -1.14 19.50 -10.96
C PHE A 232 -0.55 20.55 -10.01
N HIS A 233 0.17 21.52 -10.58
CA HIS A 233 0.86 22.51 -9.77
C HIS A 233 -0.12 23.32 -8.92
N GLU A 234 -1.30 23.63 -9.48
CA GLU A 234 -2.32 24.37 -8.76
C GLU A 234 -2.88 23.56 -7.60
N THR A 235 -3.16 22.27 -7.85
CA THR A 235 -3.83 21.45 -6.86
C THR A 235 -2.90 21.13 -5.69
N ILE A 236 -1.63 20.81 -5.97
CA ILE A 236 -0.69 20.48 -4.90
C ILE A 236 -0.40 21.71 -4.02
N ALA A 237 -0.32 22.89 -4.65
CA ALA A 237 -0.13 24.16 -3.93
C ALA A 237 -1.28 24.36 -2.93
N THR A 238 -2.52 24.09 -3.38
CA THR A 238 -3.70 24.16 -2.53
C THR A 238 -3.60 23.21 -1.31
N PHE A 239 -3.17 21.97 -1.55
CA PHE A 239 -3.03 21.02 -0.44
C PHE A 239 -1.93 21.45 0.54
N TYR A 240 -0.79 21.89 0.01
CA TYR A 240 0.39 22.31 0.80
C TYR A 240 0.05 23.57 1.61
N ASP A 241 -0.73 24.51 1.05
CA ASP A 241 -1.19 25.70 1.81
C ASP A 241 -2.01 25.24 3.02
N TYR A 242 -2.89 24.28 2.78
CA TYR A 242 -3.77 23.66 3.81
C TYR A 242 -2.89 23.03 4.90
N PHE A 243 -1.93 22.19 4.52
CA PHE A 243 -1.08 21.53 5.49
C PHE A 243 -0.15 22.49 6.25
N ASN A 244 0.33 23.54 5.57
CA ASN A 244 1.14 24.56 6.20
C ASN A 244 0.44 25.20 7.39
N GLY A 245 -0.88 25.37 7.30
CA GLY A 245 -1.66 25.92 8.40
C GLY A 245 -1.54 25.08 9.68
N PHE A 246 -1.51 23.75 9.53
CA PHE A 246 -1.34 22.85 10.67
C PHE A 246 0.07 22.94 11.26
N THR A 247 1.06 23.04 10.39
CA THR A 247 2.45 23.12 10.80
C THR A 247 2.65 24.35 11.67
N VAL A 248 2.11 25.49 11.22
CA VAL A 248 2.17 26.74 11.98
C VAL A 248 1.45 26.60 13.32
N ASP A 249 0.25 25.99 13.27
CA ASP A 249 -0.59 25.83 14.45
C ASP A 249 0.13 25.04 15.56
N ARG A 250 0.76 23.94 15.16
CA ARG A 250 1.37 22.95 16.10
C ARG A 250 2.68 23.50 16.69
N ARG A 251 3.34 24.46 16.01
CA ARG A 251 4.55 25.10 16.55
C ARG A 251 4.18 26.03 17.72
N SER A 252 2.93 26.48 17.79
CA SER A 252 2.45 27.27 18.93
C SER A 252 1.62 26.48 19.95
N CYS A 253 0.86 25.50 19.46
CA CYS A 253 -0.10 24.74 20.25
C CYS A 253 0.15 23.25 20.01
N PRO A 254 1.16 22.65 20.66
CA PRO A 254 1.56 21.26 20.38
C PRO A 254 0.46 20.25 20.76
N LYS A 255 0.41 19.10 20.07
CA LYS A 255 -0.48 18.00 20.42
C LYS A 255 0.31 16.71 20.26
N ASP A 256 -0.32 15.58 20.60
CA ASP A 256 0.37 14.28 20.54
C ASP A 256 0.27 13.60 19.19
N ASP A 257 -0.13 14.35 18.16
CA ASP A 257 -0.35 13.81 16.81
C ASP A 257 0.90 13.92 15.94
N VAL A 258 0.83 13.36 14.74
CA VAL A 258 1.99 13.30 13.85
C VAL A 258 2.35 14.66 13.24
N MET A 259 1.33 15.48 12.94
CA MET A 259 1.60 16.81 12.41
C MET A 259 2.43 17.62 13.42
N SER A 260 2.08 17.51 14.71
CA SER A 260 2.84 18.19 15.75
C SER A 260 4.28 17.71 15.86
N LEU A 261 4.44 16.39 15.79
CA LEU A 261 5.74 15.74 15.87
C LEU A 261 6.64 16.28 14.77
N LEU A 262 6.13 16.32 13.53
CA LEU A 262 6.92 16.78 12.37
C LEU A 262 7.15 18.30 12.37
N ALA A 263 6.10 19.05 12.72
CA ALA A 263 6.17 20.50 12.81
C ALA A 263 7.27 20.96 13.78
N ASN A 264 7.44 20.22 14.88
CA ASN A 264 8.37 20.58 15.94
C ASN A 264 9.69 19.85 15.85
N SER A 265 9.87 19.05 14.79
CA SER A 265 11.14 18.36 14.54
C SER A 265 12.21 19.31 14.01
N LYS A 266 13.46 19.01 14.34
CA LYS A 266 14.61 19.71 13.83
C LYS A 266 15.66 18.70 13.35
N LEU A 267 16.42 19.09 12.33
CA LEU A 267 17.62 18.38 11.89
C LEU A 267 18.70 19.44 11.73
N ASP A 268 19.88 19.16 12.28
CA ASP A 268 21.00 20.12 12.31
C ASP A 268 20.56 21.47 12.89
N GLY A 269 19.71 21.42 13.92
CA GLY A 269 19.28 22.62 14.64
C GLY A 269 18.27 23.52 13.95
N ASN A 270 17.69 23.08 12.82
CA ASN A 270 16.67 23.85 12.10
C ASN A 270 15.45 23.01 11.81
N TYR A 271 14.31 23.67 11.67
CA TYR A 271 13.04 23.04 11.23
C TYR A 271 13.28 22.34 9.88
N ILE A 272 12.50 21.29 9.63
CA ILE A 272 12.50 20.60 8.36
C ILE A 272 11.80 21.53 7.35
N ASP A 273 12.28 21.54 6.10
CA ASP A 273 11.71 22.35 5.01
C ASP A 273 10.25 21.93 4.78
N ASP A 274 9.38 22.92 4.47
CA ASP A 274 7.96 22.66 4.20
C ASP A 274 7.75 21.55 3.19
N LYS A 275 8.61 21.47 2.17
CA LYS A 275 8.45 20.44 1.11
C LYS A 275 8.53 19.02 1.63
N TYR A 276 9.39 18.77 2.61
CA TYR A 276 9.56 17.44 3.25
C TYR A 276 8.40 17.21 4.23
N ILE A 277 7.97 18.25 4.96
CA ILE A 277 6.90 18.10 5.92
C ILE A 277 5.59 17.73 5.19
N ASN A 278 5.23 18.55 4.19
CA ASN A 278 3.98 18.33 3.47
C ASN A 278 3.97 17.02 2.69
N ALA A 279 5.10 16.65 2.08
CA ALA A 279 5.22 15.34 1.45
C ALA A 279 4.93 14.20 2.43
N TYR A 280 5.42 14.37 3.67
CA TYR A 280 5.27 13.37 4.77
C TYR A 280 3.78 13.24 5.12
N TYR A 281 3.07 14.36 5.21
CA TYR A 281 1.62 14.35 5.53
C TYR A 281 0.88 13.61 4.41
N VAL A 282 1.17 13.97 3.16
CA VAL A 282 0.53 13.35 1.99
C VAL A 282 0.82 11.84 1.91
N ALA A 283 2.10 11.48 2.09
CA ALA A 283 2.54 10.10 2.07
C ALA A 283 1.80 9.26 3.13
N ILE A 284 1.66 9.81 4.35
CA ILE A 284 0.99 9.07 5.42
C ILE A 284 -0.49 8.83 5.06
N ALA A 285 -1.17 9.87 4.58
CA ALA A 285 -2.59 9.76 4.24
C ALA A 285 -2.82 8.79 3.09
N THR A 286 -2.02 8.92 2.02
CA THR A 286 -2.20 8.10 0.82
C THR A 286 -1.75 6.66 1.08
N ALA A 287 -0.63 6.49 1.78
CA ALA A 287 -0.11 5.14 2.05
C ALA A 287 -1.02 4.33 2.96
N GLY A 288 -1.71 5.02 3.88
CA GLY A 288 -2.51 4.37 4.90
C GLY A 288 -3.98 4.14 4.57
N HIS A 289 -4.49 4.76 3.51
CA HIS A 289 -5.91 4.68 3.20
C HIS A 289 -6.27 3.44 2.34
N ASP A 290 -5.99 3.50 1.04
CA ASP A 290 -6.41 2.44 0.12
C ASP A 290 -5.92 1.04 0.53
N THR A 291 -4.65 0.94 0.92
CA THR A 291 -4.05 -0.34 1.34
C THR A 291 -4.89 -1.05 2.40
N THR A 292 -5.19 -0.33 3.47
CA THR A 292 -5.99 -0.83 4.59
C THR A 292 -7.43 -1.16 4.20
N SER A 293 -8.07 -0.28 3.43
CA SER A 293 -9.41 -0.49 2.92
C SER A 293 -9.44 -1.78 2.08
N SER A 294 -8.49 -1.88 1.14
CA SER A 294 -8.38 -2.99 0.22
C SER A 294 -8.20 -4.33 0.99
N SER A 295 -7.31 -4.34 1.97
CA SER A 295 -7.01 -5.53 2.76
C SER A 295 -8.23 -5.94 3.56
N SER A 296 -8.99 -4.96 4.06
CA SER A 296 -10.24 -5.22 4.76
C SER A 296 -11.28 -5.91 3.84
N GLY A 297 -11.38 -5.42 2.60
CA GLY A 297 -12.20 -6.04 1.57
C GLY A 297 -11.78 -7.47 1.28
N GLY A 298 -10.47 -7.69 1.15
CA GLY A 298 -9.89 -9.01 1.00
C GLY A 298 -10.34 -9.96 2.10
N ALA A 299 -10.30 -9.48 3.35
CA ALA A 299 -10.75 -10.29 4.48
C ALA A 299 -12.22 -10.73 4.31
N ILE A 300 -13.07 -9.81 3.89
CA ILE A 300 -14.49 -10.09 3.71
C ILE A 300 -14.72 -11.06 2.57
N ILE A 301 -13.95 -10.93 1.49
CA ILE A 301 -14.00 -11.91 0.39
C ILE A 301 -13.62 -13.33 0.89
N GLY A 302 -12.49 -13.41 1.61
CA GLY A 302 -12.04 -14.64 2.24
C GLY A 302 -13.04 -15.29 3.16
N LEU A 303 -13.65 -14.50 4.05
CA LEU A 303 -14.64 -15.01 5.00
C LEU A 303 -15.94 -15.44 4.30
N SER A 304 -16.32 -14.70 3.26
CA SER A 304 -17.52 -15.00 2.49
C SER A 304 -17.37 -16.34 1.76
N ARG A 305 -16.18 -16.58 1.20
CA ARG A 305 -15.88 -17.85 0.47
C ARG A 305 -15.60 -18.98 1.47
N ASN A 306 -15.35 -18.67 2.75
CA ASN A 306 -15.01 -19.67 3.75
C ASN A 306 -15.77 -19.45 5.05
N PRO A 307 -17.09 -19.74 5.08
CA PRO A 307 -17.94 -19.44 6.24
C PRO A 307 -17.47 -20.08 7.56
N GLU A 308 -16.84 -21.26 7.49
CA GLU A 308 -16.28 -21.94 8.66
C GLU A 308 -15.28 -21.02 9.38
N GLN A 309 -14.54 -20.23 8.61
CA GLN A 309 -13.54 -19.32 9.17
C GLN A 309 -14.13 -18.09 9.86
N LEU A 310 -15.27 -17.61 9.34
CA LEU A 310 -16.07 -16.62 10.05
C LEU A 310 -16.53 -17.19 11.41
N ALA A 311 -17.08 -18.41 11.41
CA ALA A 311 -17.48 -19.08 12.67
C ALA A 311 -16.30 -19.19 13.66
N LEU A 312 -15.13 -19.57 13.13
CA LEU A 312 -13.92 -19.70 13.94
C LEU A 312 -13.49 -18.39 14.61
N ALA A 313 -13.43 -17.30 13.82
CA ALA A 313 -13.08 -15.97 14.31
C ALA A 313 -14.10 -15.42 15.32
N LYS A 314 -15.34 -15.89 15.23
CA LYS A 314 -16.38 -15.49 16.17
C LYS A 314 -16.31 -16.26 17.49
N SER A 315 -15.97 -17.55 17.45
CA SER A 315 -15.85 -18.36 18.66
C SER A 315 -14.50 -18.14 19.34
N ASP A 316 -13.48 -17.73 18.58
CA ASP A 316 -12.17 -17.39 19.13
C ASP A 316 -11.64 -16.06 18.61
N PRO A 317 -12.07 -14.92 19.19
CA PRO A 317 -11.58 -13.60 18.79
C PRO A 317 -10.05 -13.43 18.85
N ALA A 318 -9.35 -14.27 19.63
CA ALA A 318 -7.88 -14.17 19.70
C ALA A 318 -7.18 -14.54 18.35
N LEU A 319 -7.91 -15.16 17.42
CA LEU A 319 -7.45 -15.42 16.06
C LEU A 319 -7.46 -14.22 15.11
N ILE A 320 -8.11 -13.12 15.50
CA ILE A 320 -8.28 -11.97 14.60
C ILE A 320 -6.96 -11.40 14.08
N PRO A 321 -5.90 -11.25 14.89
CA PRO A 321 -4.60 -10.82 14.37
C PRO A 321 -4.08 -11.73 13.25
N ARG A 322 -4.27 -13.03 13.38
CA ARG A 322 -3.87 -14.02 12.33
C ARG A 322 -4.80 -13.83 11.12
N LEU A 323 -6.08 -13.52 11.35
CA LEU A 323 -6.99 -13.17 10.25
C LEU A 323 -6.49 -11.94 9.50
N VAL A 324 -6.07 -10.91 10.24
CA VAL A 324 -5.54 -9.70 9.64
C VAL A 324 -4.29 -9.95 8.80
N ASP A 325 -3.33 -10.71 9.32
CA ASP A 325 -2.12 -11.00 8.55
C ASP A 325 -2.42 -11.82 7.29
N GLU A 326 -3.39 -12.73 7.38
CA GLU A 326 -3.77 -13.51 6.21
C GLU A 326 -4.48 -12.65 5.17
N ALA A 327 -5.28 -11.67 5.62
CA ALA A 327 -5.95 -10.76 4.69
C ALA A 327 -4.91 -9.93 3.91
N VAL A 328 -3.86 -9.48 4.60
CA VAL A 328 -2.81 -8.69 3.96
C VAL A 328 -1.98 -9.58 2.99
N ARG A 329 -1.59 -10.78 3.43
CA ARG A 329 -0.83 -11.73 2.55
C ARG A 329 -1.65 -11.99 1.29
N TRP A 330 -2.91 -12.40 1.47
CA TRP A 330 -3.72 -12.91 0.39
C TRP A 330 -4.16 -11.79 -0.57
N THR A 331 -4.46 -10.62 -0.01
CA THR A 331 -4.88 -9.47 -0.81
C THR A 331 -3.69 -8.85 -1.54
N ALA A 332 -2.57 -8.69 -0.81
CA ALA A 332 -1.35 -8.05 -1.30
C ALA A 332 -1.72 -6.79 -2.09
N PRO A 333 -2.29 -5.77 -1.43
CA PRO A 333 -2.81 -4.60 -2.16
C PRO A 333 -1.70 -3.83 -2.89
N VAL A 334 -0.49 -3.79 -2.33
CA VAL A 334 0.64 -3.21 -3.03
C VAL A 334 1.22 -4.27 -3.96
N LYS A 335 1.07 -4.04 -5.26
CA LYS A 335 1.44 -5.01 -6.29
C LYS A 335 2.94 -4.93 -6.62
N SER A 336 3.51 -3.73 -6.53
CA SER A 336 4.93 -3.54 -6.83
C SER A 336 5.52 -2.27 -6.26
N PHE A 337 6.83 -2.33 -5.99
CA PHE A 337 7.69 -1.14 -5.96
C PHE A 337 8.91 -1.51 -6.83
N MET A 338 9.65 -0.49 -7.26
CA MET A 338 10.81 -0.66 -8.10
C MET A 338 12.09 -0.34 -7.32
N ARG A 339 13.22 -0.84 -7.83
CA ARG A 339 14.60 -0.52 -7.36
C ARG A 339 15.50 -0.36 -8.58
N THR A 340 16.56 0.46 -8.45
CA THR A 340 17.60 0.54 -9.46
C THR A 340 18.92 0.02 -8.86
N ALA A 341 19.57 -0.89 -9.58
CA ALA A 341 20.88 -1.39 -9.17
C ALA A 341 21.93 -0.29 -9.31
N LEU A 342 22.69 -0.05 -8.23
CA LEU A 342 23.75 0.95 -8.21
C LEU A 342 25.14 0.37 -8.52
N ALA A 343 25.24 -0.95 -8.62
CA ALA A 343 26.48 -1.62 -9.01
C ALA A 343 26.17 -2.98 -9.63
N ASP A 344 27.14 -3.51 -10.40
CA ASP A 344 27.08 -4.89 -10.88
C ASP A 344 27.04 -5.81 -9.67
N THR A 345 26.16 -6.82 -9.72
CA THR A 345 25.94 -7.67 -8.56
C THR A 345 25.16 -8.91 -8.97
N GLU A 346 25.19 -9.93 -8.10
CA GLU A 346 24.62 -11.23 -8.39
C GLU A 346 23.48 -11.59 -7.43
N VAL A 347 22.33 -11.98 -8.00
CA VAL A 347 21.18 -12.49 -7.26
C VAL A 347 20.63 -13.71 -8.00
N ARG A 348 20.41 -14.81 -7.27
CA ARG A 348 19.96 -16.13 -7.82
C ARG A 348 20.79 -16.46 -9.07
N GLY A 349 22.11 -16.24 -8.99
CA GLY A 349 23.02 -16.52 -10.09
C GLY A 349 22.86 -15.68 -11.35
N GLN A 350 22.09 -14.59 -11.27
CA GLN A 350 21.91 -13.63 -12.38
C GLN A 350 22.84 -12.43 -12.23
N ASN A 351 23.39 -11.96 -13.35
CA ASN A 351 24.31 -10.83 -13.38
C ASN A 351 23.55 -9.54 -13.58
N ILE A 352 23.14 -8.92 -12.48
CA ILE A 352 22.41 -7.65 -12.49
C ILE A 352 23.46 -6.57 -12.66
N LYS A 353 23.26 -5.69 -13.66
CA LYS A 353 24.20 -4.66 -14.05
C LYS A 353 23.78 -3.31 -13.51
N ARG A 354 24.78 -2.47 -13.20
CA ARG A 354 24.56 -1.09 -12.69
C ARG A 354 23.54 -0.39 -13.60
N GLY A 355 22.52 0.23 -13.01
CA GLY A 355 21.48 0.92 -13.75
C GLY A 355 20.26 0.07 -14.12
N ASP A 356 20.35 -1.26 -13.93
CA ASP A 356 19.22 -2.14 -14.23
C ASP A 356 18.12 -1.91 -13.22
N ARG A 357 16.88 -1.84 -13.72
CA ARG A 357 15.69 -1.70 -12.84
C ARG A 357 15.13 -3.09 -12.48
N ILE A 358 14.53 -3.18 -11.28
CA ILE A 358 13.99 -4.41 -10.76
C ILE A 358 12.60 -4.12 -10.21
N MET A 359 11.63 -4.97 -10.60
CA MET A 359 10.28 -4.91 -10.10
C MET A 359 10.16 -5.93 -8.97
N LEU A 360 9.75 -5.46 -7.78
CA LEU A 360 9.50 -6.33 -6.63
C LEU A 360 8.02 -6.72 -6.57
N SER A 361 7.71 -8.00 -6.80
CA SER A 361 6.31 -8.44 -6.78
C SER A 361 5.96 -9.04 -5.42
N TYR A 362 5.32 -8.24 -4.57
CA TYR A 362 4.84 -8.69 -3.23
C TYR A 362 3.79 -9.79 -3.39
N PRO A 363 2.83 -9.68 -4.35
CA PRO A 363 1.88 -10.77 -4.60
C PRO A 363 2.55 -12.11 -4.94
N SER A 364 3.58 -12.09 -5.79
CA SER A 364 4.24 -13.33 -6.18
C SER A 364 5.00 -13.94 -4.99
N ALA A 365 5.66 -13.08 -4.21
CA ALA A 365 6.35 -13.55 -3.01
C ALA A 365 5.37 -14.17 -2.03
N ASN A 366 4.15 -13.61 -1.97
CA ASN A 366 3.13 -14.05 -1.03
C ASN A 366 2.42 -15.34 -1.45
N ARG A 367 2.70 -15.82 -2.66
CA ARG A 367 2.19 -17.12 -3.17
C ARG A 367 3.37 -18.02 -3.55
N ASP A 368 4.56 -17.73 -3.02
CA ASP A 368 5.75 -18.54 -3.26
C ASP A 368 5.64 -19.90 -2.53
N GLU A 369 5.58 -20.99 -3.29
CA GLU A 369 5.33 -22.35 -2.77
C GLU A 369 6.46 -22.88 -1.89
N GLU A 370 7.64 -22.26 -2.02
CA GLU A 370 8.77 -22.62 -1.20
C GLU A 370 8.57 -22.13 0.23
N VAL A 371 7.65 -21.16 0.41
CA VAL A 371 7.39 -20.55 1.71
C VAL A 371 6.00 -20.93 2.28
N PHE A 372 4.97 -20.94 1.42
CA PHE A 372 3.58 -21.13 1.83
C PHE A 372 3.01 -22.40 1.19
N SER A 373 2.31 -23.20 1.99
CA SER A 373 1.54 -24.32 1.43
C SER A 373 0.14 -23.85 1.01
N ASN A 374 -0.30 -24.32 -0.17
CA ASN A 374 -1.59 -23.97 -0.72
C ASN A 374 -1.84 -22.46 -0.66
N PRO A 375 -0.95 -21.65 -1.25
CA PRO A 375 -0.99 -20.20 -1.04
C PRO A 375 -2.21 -19.49 -1.66
N ASP A 376 -2.91 -20.12 -2.60
CA ASP A 376 -4.14 -19.55 -3.14
C ASP A 376 -5.31 -19.62 -2.16
N GLU A 377 -5.19 -20.47 -1.14
CA GLU A 377 -6.24 -20.61 -0.12
C GLU A 377 -6.13 -19.45 0.88
N PHE A 378 -7.27 -18.86 1.22
CA PHE A 378 -7.43 -17.98 2.35
C PHE A 378 -7.61 -18.85 3.60
N ASP A 379 -6.66 -18.76 4.55
CA ASP A 379 -6.69 -19.54 5.79
C ASP A 379 -6.23 -18.71 6.98
N ILE A 380 -7.20 -18.27 7.79
CA ILE A 380 -6.90 -17.39 8.91
C ILE A 380 -6.04 -18.04 10.02
N THR A 381 -5.96 -19.38 10.03
CA THR A 381 -5.13 -20.09 11.01
C THR A 381 -3.67 -20.21 10.58
N ARG A 382 -3.35 -19.72 9.39
CA ARG A 382 -1.98 -19.78 8.80
C ARG A 382 -0.99 -19.20 9.83
N PHE A 383 -0.05 -20.02 10.29
CA PHE A 383 0.98 -19.58 11.24
C PHE A 383 2.14 -20.57 11.23
N PRO A 384 3.41 -20.10 11.16
CA PRO A 384 3.70 -18.69 10.92
C PRO A 384 3.20 -18.18 9.56
N ASN A 385 3.21 -16.86 9.38
CA ASN A 385 2.75 -16.23 8.14
C ASN A 385 3.68 -15.08 7.83
N ARG A 386 4.85 -15.41 7.29
CA ARG A 386 5.97 -14.46 7.05
C ARG A 386 5.80 -13.85 5.66
N HIS A 387 4.71 -13.10 5.47
CA HIS A 387 4.37 -12.53 4.15
C HIS A 387 5.07 -11.20 3.95
N LEU A 388 5.17 -10.78 2.69
CA LEU A 388 5.79 -9.52 2.30
C LEU A 388 4.79 -8.45 1.81
N GLY A 389 3.55 -8.53 2.31
CA GLY A 389 2.53 -7.56 1.96
C GLY A 389 2.89 -6.15 2.41
N PHE A 390 3.73 -6.05 3.46
CA PHE A 390 4.29 -4.80 4.00
C PHE A 390 5.71 -4.55 3.52
N GLY A 391 6.18 -5.35 2.57
CA GLY A 391 7.54 -5.26 2.11
C GLY A 391 8.50 -5.86 3.11
N TRP A 392 9.77 -5.46 3.00
CA TRP A 392 10.86 -6.01 3.82
C TRP A 392 12.10 -5.18 3.57
N GLY A 393 12.79 -4.81 4.65
CA GLY A 393 14.08 -4.13 4.62
C GLY A 393 13.93 -2.68 5.00
N ALA A 394 14.76 -1.84 4.36
CA ALA A 394 14.95 -0.44 4.76
C ALA A 394 13.68 0.40 4.72
N HIS A 395 12.81 0.17 3.72
CA HIS A 395 11.58 0.95 3.55
C HIS A 395 10.31 0.22 4.05
N MET A 396 10.49 -0.93 4.72
CA MET A 396 9.35 -1.73 5.21
C MET A 396 8.28 -0.83 5.82
N CYS A 397 7.02 -1.05 5.41
CA CYS A 397 5.89 -0.19 5.75
C CYS A 397 6.00 0.49 7.12
N LEU A 398 6.12 1.81 7.11
CA LEU A 398 6.21 2.59 8.35
C LEU A 398 4.94 2.37 9.18
N GLY A 399 3.80 2.25 8.50
CA GLY A 399 2.48 2.18 9.13
C GLY A 399 2.00 0.77 9.50
N GLN A 400 2.87 -0.24 9.38
CA GLN A 400 2.42 -1.64 9.47
C GLN A 400 1.72 -1.91 10.80
N HIS A 401 2.23 -1.30 11.87
CA HIS A 401 1.71 -1.54 13.21
C HIS A 401 0.35 -0.84 13.40
N LEU A 402 0.22 0.38 12.85
CA LEU A 402 -1.05 1.06 12.88
C LEU A 402 -2.10 0.31 12.03
N ALA A 403 -1.70 -0.16 10.84
CA ALA A 403 -2.57 -0.96 9.97
C ALA A 403 -3.10 -2.22 10.68
N LYS A 404 -2.19 -2.98 11.31
CA LYS A 404 -2.58 -4.20 12.00
C LYS A 404 -3.49 -3.94 13.20
N LEU A 405 -3.19 -2.88 13.98
CA LEU A 405 -4.01 -2.51 15.13
C LEU A 405 -5.44 -2.10 14.70
N GLU A 406 -5.57 -1.23 13.68
CA GLU A 406 -6.88 -0.75 13.25
C GLU A 406 -7.74 -1.86 12.61
N MET A 407 -7.10 -2.74 11.84
CA MET A 407 -7.80 -3.87 11.24
C MET A 407 -8.29 -4.84 12.31
N LYS A 408 -7.42 -5.12 13.30
CA LYS A 408 -7.77 -5.97 14.43
C LYS A 408 -9.00 -5.41 15.15
N ILE A 409 -8.93 -4.13 15.52
CA ILE A 409 -10.03 -3.48 16.22
C ILE A 409 -11.32 -3.46 15.39
N PHE A 410 -11.21 -3.15 14.09
CA PHE A 410 -12.36 -3.17 13.19
C PHE A 410 -13.05 -4.54 13.19
N PHE A 411 -12.27 -5.61 12.98
CA PHE A 411 -12.85 -6.97 12.91
C PHE A 411 -13.35 -7.46 14.28
N GLU A 412 -12.68 -7.05 15.36
CA GLU A 412 -13.20 -7.29 16.71
C GLU A 412 -14.59 -6.70 16.92
N GLU A 413 -14.83 -5.51 16.35
CA GLU A 413 -16.12 -4.84 16.46
C GLU A 413 -17.17 -5.37 15.48
N LEU A 414 -16.76 -5.69 14.24
CA LEU A 414 -17.70 -6.15 13.20
C LEU A 414 -18.23 -7.58 13.41
N LEU A 415 -17.29 -8.53 13.56
CA LEU A 415 -17.62 -9.95 13.49
C LEU A 415 -18.66 -10.42 14.51
N PRO A 416 -18.65 -9.95 15.78
CA PRO A 416 -19.71 -10.32 16.71
C PRO A 416 -21.10 -9.82 16.26
N LYS A 417 -21.15 -8.77 15.42
CA LYS A 417 -22.43 -8.22 14.94
C LYS A 417 -23.01 -8.98 13.73
N LEU A 418 -22.21 -9.88 13.14
CA LEU A 418 -22.59 -10.64 11.95
C LEU A 418 -22.82 -12.12 12.26
N LYS A 419 -24.02 -12.61 11.94
CA LYS A 419 -24.30 -14.04 11.99
C LYS A 419 -23.73 -14.72 10.73
N SER A 420 -23.79 -14.03 9.58
CA SER A 420 -23.26 -14.56 8.33
C SER A 420 -22.95 -13.44 7.34
N VAL A 421 -22.15 -13.76 6.32
CA VAL A 421 -21.87 -12.83 5.24
C VAL A 421 -21.55 -13.63 3.98
N GLU A 422 -21.99 -13.09 2.84
CA GLU A 422 -21.75 -13.75 1.56
C GLU A 422 -21.61 -12.66 0.50
N LEU A 423 -20.95 -13.01 -0.60
CA LEU A 423 -20.87 -12.12 -1.76
C LEU A 423 -22.19 -12.23 -2.51
N SER A 424 -22.70 -11.07 -2.95
CA SER A 424 -23.90 -11.01 -3.79
C SER A 424 -23.55 -10.94 -5.28
N GLY A 425 -22.28 -10.68 -5.57
CA GLY A 425 -21.77 -10.63 -6.92
C GLY A 425 -20.24 -10.64 -6.91
N PRO A 426 -19.59 -10.55 -8.09
CA PRO A 426 -18.13 -10.53 -8.13
C PRO A 426 -17.55 -9.28 -7.50
N PRO A 427 -16.48 -9.41 -6.71
CA PRO A 427 -15.70 -8.25 -6.29
C PRO A 427 -15.09 -7.56 -7.53
N ARG A 428 -14.97 -6.24 -7.53
CA ARG A 428 -14.27 -5.47 -8.60
CA ARG A 428 -14.28 -5.47 -8.59
C ARG A 428 -12.92 -5.03 -8.04
N LEU A 429 -11.84 -5.43 -8.71
CA LEU A 429 -10.49 -5.14 -8.30
C LEU A 429 -9.97 -4.00 -9.16
N VAL A 430 -9.07 -3.19 -8.59
CA VAL A 430 -8.49 -2.06 -9.30
C VAL A 430 -7.52 -2.56 -10.38
N ALA A 431 -7.66 -2.02 -11.60
CA ALA A 431 -6.75 -2.29 -12.69
C ALA A 431 -5.53 -1.40 -12.53
N THR A 432 -4.60 -1.82 -11.67
CA THR A 432 -3.38 -1.09 -11.44
C THR A 432 -2.26 -2.04 -11.09
N ASN A 433 -1.04 -1.65 -11.43
CA ASN A 433 0.18 -2.37 -11.03
C ASN A 433 0.89 -1.76 -9.81
N PHE A 434 0.24 -0.80 -9.14
CA PHE A 434 0.77 -0.20 -7.93
C PHE A 434 -0.08 -0.56 -6.69
N VAL A 435 -1.09 0.24 -6.33
CA VAL A 435 -1.91 -0.05 -5.16
C VAL A 435 -3.32 -0.39 -5.59
N GLY A 436 -3.64 -1.69 -5.50
CA GLY A 436 -4.88 -2.23 -6.04
C GLY A 436 -5.62 -3.07 -5.01
N GLY A 437 -6.11 -4.23 -5.46
CA GLY A 437 -7.04 -5.01 -4.69
C GLY A 437 -8.48 -4.56 -4.86
N PRO A 438 -9.38 -5.06 -4.00
CA PRO A 438 -10.81 -4.78 -4.08
C PRO A 438 -11.19 -3.31 -3.95
N LYS A 439 -11.99 -2.79 -4.89
CA LYS A 439 -12.60 -1.46 -4.79
C LYS A 439 -14.08 -1.54 -4.46
N ASN A 440 -14.73 -2.62 -4.90
CA ASN A 440 -16.16 -2.84 -4.67
C ASN A 440 -16.33 -4.29 -4.24
N VAL A 441 -17.05 -4.50 -3.14
CA VAL A 441 -17.32 -5.85 -2.63
C VAL A 441 -18.79 -5.92 -2.22
N PRO A 442 -19.69 -6.13 -3.19
CA PRO A 442 -21.11 -6.31 -2.89
C PRO A 442 -21.34 -7.53 -1.99
N ILE A 443 -22.07 -7.33 -0.88
CA ILE A 443 -22.34 -8.39 0.07
C ILE A 443 -23.78 -8.41 0.50
N ARG A 444 -24.19 -9.57 1.01
CA ARG A 444 -25.39 -9.74 1.85
C ARG A 444 -24.94 -10.27 3.22
N PHE A 445 -25.66 -9.90 4.28
CA PHE A 445 -25.33 -10.36 5.63
C PHE A 445 -26.59 -10.45 6.46
N THR A 446 -26.54 -11.26 7.52
CA THR A 446 -27.58 -11.35 8.52
C THR A 446 -26.97 -10.91 9.84
N LYS A 447 -27.73 -10.13 10.61
CA LYS A 447 -27.27 -9.53 11.84
C LYS A 447 -27.38 -10.53 12.98
N ALA A 448 -26.38 -10.54 13.86
CA ALA A 448 -26.41 -11.37 15.06
C ALA A 448 -27.42 -10.78 16.05
#